data_1D6R
#
_entry.id   1D6R
#
_cell.length_a   55.600
_cell.length_b   55.600
_cell.length_c   183.400
_cell.angle_alpha   90.00
_cell.angle_beta   90.00
_cell.angle_gamma   90.00
#
_symmetry.space_group_name_H-M   'P 41 21 2'
#
loop_
_entity.id
_entity.type
_entity.pdbx_description
1 polymer TRYPSINOGEN
2 polymer 'BOWMAN-BIRK PROTEINASE INHIBITOR PRECURSOR'
3 water water
#
loop_
_entity_poly.entity_id
_entity_poly.type
_entity_poly.pdbx_seq_one_letter_code
_entity_poly.pdbx_strand_id
1 'polypeptide(L)'
;IVGGYTCGANTVPYQVSLNSGYHFCGGSLINSQWVVSAAHCYKSGIQVRLGEDNINVVEGNEQFISASKSIVHPSYNSNT
LNNDIMLIKLKSAASLNSRVASISLPTSCASAGTQCLISGWGNTKSSGTSYPDVLKCLKAPILSDSSCKSAYPGQITSNM
FCAGYLEGGKDSCQGDSGGPVVCSGKLQGIVSWGSGCAQKNKPGVYTKVCNYVSWIKQTIASN
;
A
2 'polypeptide(L)' KPCCDQCACTKSNPPQCRCSDMRLNSCHSACKSCICALSYPAQCFCVDITDFCYEPCK I
#
# COMPACT_ATOMS: atom_id res chain seq x y z
N ILE A 1 -4.06 -4.11 9.44
CA ILE A 1 -3.32 -3.48 10.50
C ILE A 1 -3.11 -4.47 11.63
N VAL A 2 -1.79 -4.71 11.96
CA VAL A 2 -1.33 -5.61 12.99
C VAL A 2 -0.94 -4.79 14.17
N GLY A 3 -1.49 -5.12 15.33
CA GLY A 3 -1.20 -4.42 16.56
C GLY A 3 -1.77 -3.03 16.68
N GLY A 4 -2.82 -2.73 15.90
CA GLY A 4 -3.51 -1.45 15.95
C GLY A 4 -4.77 -1.53 16.85
N TYR A 5 -5.63 -0.51 16.78
CA TYR A 5 -6.89 -0.37 17.50
C TYR A 5 -8.08 -0.01 16.54
N THR A 6 -9.27 -0.27 17.03
CA THR A 6 -10.50 0.03 16.30
C THR A 6 -10.70 1.51 16.25
N CYS A 7 -10.61 2.04 15.06
CA CYS A 7 -10.71 3.45 14.90
C CYS A 7 -11.91 4.07 15.61
N GLY A 8 -13.06 3.48 15.34
CA GLY A 8 -14.36 3.98 15.74
C GLY A 8 -15.05 4.52 14.47
N ALA A 9 -16.32 4.19 14.30
CA ALA A 9 -17.04 4.56 13.12
C ALA A 9 -16.94 6.00 12.68
N ASN A 10 -16.51 6.17 11.41
CA ASN A 10 -16.44 7.48 10.78
C ASN A 10 -15.46 8.48 11.41
N THR A 11 -14.48 7.96 12.15
CA THR A 11 -13.40 8.72 12.75
C THR A 11 -12.35 9.08 11.71
N VAL A 12 -12.30 8.28 10.62
CA VAL A 12 -11.45 8.53 9.48
C VAL A 12 -12.28 8.71 8.21
N PRO A 13 -13.01 9.81 8.17
CA PRO A 13 -13.92 10.08 7.05
C PRO A 13 -13.35 10.17 5.65
N TYR A 14 -12.02 10.11 5.44
CA TYR A 14 -11.48 10.21 4.08
C TYR A 14 -11.08 8.85 3.57
N GLN A 15 -11.18 7.91 4.49
CA GLN A 15 -10.90 6.53 4.16
C GLN A 15 -11.94 5.91 3.21
N VAL A 16 -11.48 5.29 2.13
CA VAL A 16 -12.42 4.59 1.32
C VAL A 16 -12.08 3.12 1.21
N SER A 17 -13.07 2.32 0.88
CA SER A 17 -12.79 0.89 0.64
C SER A 17 -12.95 0.59 -0.87
N LEU A 18 -12.02 -0.09 -1.56
CA LEU A 18 -12.24 -0.35 -2.99
C LEU A 18 -12.81 -1.75 -3.12
N ASN A 19 -13.97 -1.85 -3.80
CA ASN A 19 -14.70 -3.09 -3.91
C ASN A 19 -14.86 -3.61 -5.31
N SER A 20 -14.71 -4.90 -5.43
CA SER A 20 -14.88 -5.52 -6.72
C SER A 20 -15.59 -6.87 -6.48
N GLY A 21 -16.61 -6.81 -5.60
CA GLY A 21 -17.34 -8.01 -5.21
C GLY A 21 -16.90 -8.39 -3.82
N TYR A 22 -15.82 -7.69 -3.41
CA TYR A 22 -15.17 -7.76 -2.12
C TYR A 22 -14.17 -6.64 -2.08
N HIS A 23 -13.79 -6.23 -0.86
CA HIS A 23 -12.77 -5.23 -0.50
C HIS A 23 -11.40 -5.75 -0.88
N PHE A 24 -10.65 -5.03 -1.68
CA PHE A 24 -9.36 -5.56 -2.04
C PHE A 24 -8.24 -4.58 -1.77
N CYS A 25 -8.63 -3.34 -1.53
CA CYS A 25 -7.68 -2.30 -1.28
C CYS A 25 -8.42 -1.13 -0.62
N GLY A 26 -7.61 -0.17 -0.13
CA GLY A 26 -8.06 1.05 0.45
C GLY A 26 -7.77 2.16 -0.55
N GLY A 27 -8.11 3.35 -0.10
CA GLY A 27 -7.87 4.58 -0.85
C GLY A 27 -8.22 5.76 0.08
N SER A 28 -8.05 6.99 -0.44
CA SER A 28 -8.31 8.26 0.24
C SER A 28 -9.03 9.23 -0.72
N LEU A 29 -10.11 9.82 -0.20
CA LEU A 29 -10.88 10.81 -0.87
C LEU A 29 -10.13 12.10 -0.79
N ILE A 30 -9.76 12.66 -1.96
CA ILE A 30 -8.99 13.89 -1.93
C ILE A 30 -9.81 15.11 -2.26
N ASN A 31 -10.94 14.82 -2.91
CA ASN A 31 -11.98 15.77 -3.24
C ASN A 31 -13.29 15.03 -3.51
N SER A 32 -14.32 15.76 -3.86
CA SER A 32 -15.63 15.17 -4.11
C SER A 32 -15.71 14.12 -5.23
N GLN A 33 -14.77 14.16 -6.19
CA GLN A 33 -14.82 13.25 -7.30
C GLN A 33 -13.64 12.33 -7.61
N TRP A 34 -12.61 12.48 -6.78
CA TRP A 34 -11.35 11.75 -6.93
C TRP A 34 -10.80 11.15 -5.68
N VAL A 35 -10.38 9.89 -5.84
CA VAL A 35 -9.74 9.08 -4.81
C VAL A 35 -8.26 8.79 -5.23
N VAL A 36 -7.37 8.68 -4.25
CA VAL A 36 -6.00 8.26 -4.55
C VAL A 36 -5.74 6.93 -3.89
N SER A 37 -5.27 5.98 -4.67
CA SER A 37 -4.94 4.64 -4.15
C SER A 37 -3.51 4.31 -4.59
N ALA A 38 -3.16 3.01 -4.50
CA ALA A 38 -1.87 2.45 -4.94
C ALA A 38 -2.01 1.96 -6.36
N ALA A 39 -0.98 2.17 -7.14
CA ALA A 39 -1.03 1.74 -8.52
C ALA A 39 -1.17 0.24 -8.67
N HIS A 40 -0.65 -0.50 -7.68
CA HIS A 40 -0.71 -1.96 -7.69
C HIS A 40 -2.12 -2.41 -7.39
N CYS A 41 -2.92 -1.47 -6.98
CA CYS A 41 -4.33 -1.77 -6.73
C CYS A 41 -5.16 -1.67 -8.02
N TYR A 42 -4.55 -1.35 -9.17
CA TYR A 42 -5.33 -1.19 -10.36
C TYR A 42 -6.14 -2.41 -10.74
N LYS A 43 -7.38 -2.14 -11.15
CA LYS A 43 -8.20 -3.23 -11.66
C LYS A 43 -9.40 -2.58 -12.35
N SER A 44 -10.11 -3.30 -13.18
CA SER A 44 -11.28 -2.66 -13.76
C SER A 44 -12.58 -3.06 -13.02
N GLY A 45 -13.61 -2.27 -13.26
CA GLY A 45 -14.88 -2.51 -12.64
C GLY A 45 -14.77 -2.42 -11.15
N ILE A 46 -14.41 -1.23 -10.75
CA ILE A 46 -14.26 -0.94 -9.35
C ILE A 46 -15.43 -0.11 -8.84
N GLN A 47 -15.88 -0.37 -7.62
CA GLN A 47 -16.85 0.45 -6.95
C GLN A 47 -16.20 1.01 -5.70
N VAL A 48 -16.41 2.29 -5.47
CA VAL A 48 -15.84 2.98 -4.30
C VAL A 48 -16.89 3.02 -3.21
N ARG A 49 -16.48 2.67 -2.00
CA ARG A 49 -17.33 2.69 -0.83
C ARG A 49 -16.84 3.66 0.20
N LEU A 50 -17.68 4.68 0.38
CA LEU A 50 -17.50 5.78 1.30
C LEU A 50 -18.40 5.65 2.52
N GLY A 51 -18.01 6.36 3.56
CA GLY A 51 -18.71 6.37 4.81
C GLY A 51 -18.75 5.01 5.45
N GLU A 52 -17.88 4.09 5.05
CA GLU A 52 -17.94 2.73 5.62
C GLU A 52 -17.32 2.56 7.00
N ASP A 53 -17.85 1.60 7.78
CA ASP A 53 -17.26 1.19 9.05
C ASP A 53 -17.19 -0.34 9.06
N ASN A 54 -18.34 -0.98 9.18
CA ASN A 54 -18.31 -2.38 9.03
C ASN A 54 -18.61 -2.63 7.56
N ILE A 55 -17.59 -3.06 6.86
CA ILE A 55 -17.77 -3.27 5.45
C ILE A 55 -18.72 -4.42 5.09
N ASN A 56 -19.21 -5.19 6.06
CA ASN A 56 -20.10 -6.31 5.79
C ASN A 56 -21.57 -6.00 6.15
N VAL A 57 -21.81 -4.81 6.70
CA VAL A 57 -23.11 -4.36 7.16
C VAL A 57 -23.45 -2.96 6.68
N VAL A 58 -24.63 -2.76 6.09
CA VAL A 58 -25.06 -1.40 5.68
C VAL A 58 -25.54 -0.69 6.94
N GLU A 59 -24.83 0.30 7.40
CA GLU A 59 -25.19 0.99 8.59
C GLU A 59 -25.84 2.32 8.29
N GLY A 60 -25.91 2.71 7.02
CA GLY A 60 -26.64 3.91 6.62
C GLY A 60 -25.91 5.23 6.49
N ASN A 61 -24.59 5.21 6.38
CA ASN A 61 -23.85 6.44 6.19
C ASN A 61 -23.07 6.32 4.90
N GLU A 62 -23.21 5.18 4.28
CA GLU A 62 -22.48 4.88 3.08
C GLU A 62 -23.06 5.52 1.84
N GLN A 63 -22.11 5.75 0.95
CA GLN A 63 -22.26 6.18 -0.42
C GLN A 63 -21.38 5.22 -1.25
N PHE A 64 -22.01 4.57 -2.23
CA PHE A 64 -21.41 3.59 -3.15
C PHE A 64 -21.41 4.22 -4.54
N ILE A 65 -20.23 4.52 -5.07
CA ILE A 65 -20.09 5.17 -6.37
C ILE A 65 -19.08 4.45 -7.22
N SER A 66 -19.47 4.21 -8.47
CA SER A 66 -18.58 3.55 -9.39
C SER A 66 -17.52 4.50 -9.89
N ALA A 67 -16.38 3.93 -10.24
CA ALA A 67 -15.32 4.73 -10.80
C ALA A 67 -15.64 5.02 -12.25
N SER A 68 -15.36 6.21 -12.76
CA SER A 68 -15.65 6.42 -14.16
C SER A 68 -14.40 6.27 -15.02
N LYS A 69 -13.22 6.44 -14.38
CA LYS A 69 -11.84 6.34 -14.91
C LYS A 69 -10.79 6.21 -13.83
N SER A 70 -9.72 5.53 -14.18
CA SER A 70 -8.55 5.26 -13.35
C SER A 70 -7.31 5.61 -14.15
N ILE A 71 -6.41 6.29 -13.48
CA ILE A 71 -5.14 6.66 -14.10
C ILE A 71 -3.94 6.31 -13.24
N VAL A 72 -3.25 5.29 -13.68
CA VAL A 72 -2.04 4.90 -12.98
C VAL A 72 -0.91 5.88 -13.37
N HIS A 73 -0.04 6.18 -12.39
CA HIS A 73 1.09 7.08 -12.59
C HIS A 73 1.88 6.72 -13.85
N PRO A 74 2.22 7.71 -14.70
CA PRO A 74 2.94 7.35 -15.91
C PRO A 74 4.20 6.54 -15.71
N SER A 75 4.87 6.59 -14.54
CA SER A 75 6.11 5.83 -14.37
C SER A 75 6.05 4.73 -13.35
N TYR A 76 4.85 4.27 -13.08
CA TYR A 76 4.76 3.18 -12.16
C TYR A 76 5.56 2.02 -12.70
N ASN A 77 6.41 1.49 -11.80
CA ASN A 77 7.23 0.35 -12.10
C ASN A 77 6.77 -0.80 -11.21
N SER A 78 6.09 -1.77 -11.78
CA SER A 78 5.55 -2.86 -11.00
C SER A 78 6.55 -3.83 -10.49
N ASN A 79 7.77 -3.69 -10.93
CA ASN A 79 8.84 -4.56 -10.50
C ASN A 79 9.48 -4.03 -9.22
N THR A 80 9.73 -2.73 -9.14
CA THR A 80 10.32 -2.21 -7.94
C THR A 80 9.31 -1.50 -7.11
N LEU A 81 8.13 -1.25 -7.70
CA LEU A 81 7.06 -0.52 -7.02
C LEU A 81 7.32 0.93 -6.81
N ASN A 82 8.13 1.44 -7.72
CA ASN A 82 8.45 2.87 -7.72
C ASN A 82 7.29 3.59 -8.33
N ASN A 83 6.92 4.75 -7.75
CA ASN A 83 5.80 5.52 -8.25
C ASN A 83 4.49 4.75 -8.11
N ASP A 84 4.26 4.21 -6.91
CA ASP A 84 3.07 3.41 -6.59
C ASP A 84 1.87 4.28 -6.22
N ILE A 85 1.31 4.93 -7.25
CA ILE A 85 0.21 5.81 -7.01
C ILE A 85 -0.72 5.81 -8.18
N MET A 86 -2.00 5.96 -7.91
CA MET A 86 -2.99 5.97 -8.99
C MET A 86 -4.16 6.87 -8.60
N LEU A 87 -4.83 7.48 -9.57
CA LEU A 87 -5.98 8.37 -9.34
C LEU A 87 -7.26 7.74 -9.92
N ILE A 88 -8.38 7.86 -9.20
CA ILE A 88 -9.66 7.27 -9.62
C ILE A 88 -10.73 8.32 -9.57
N LYS A 89 -11.44 8.50 -10.69
CA LYS A 89 -12.50 9.47 -10.73
C LYS A 89 -13.85 8.76 -10.51
N LEU A 90 -14.61 9.36 -9.61
CA LEU A 90 -15.94 8.85 -9.30
C LEU A 90 -16.97 9.12 -10.40
N LYS A 91 -17.95 8.23 -10.55
CA LYS A 91 -18.97 8.42 -11.58
C LYS A 91 -19.77 9.69 -11.34
N SER A 92 -19.98 9.99 -10.06
CA SER A 92 -20.73 11.17 -9.61
C SER A 92 -20.09 11.62 -8.33
N ALA A 93 -20.28 12.88 -8.04
CA ALA A 93 -19.71 13.50 -6.88
C ALA A 93 -20.22 12.99 -5.55
N ALA A 94 -19.29 12.76 -4.66
CA ALA A 94 -19.74 12.34 -3.38
C ALA A 94 -20.41 13.50 -2.63
N SER A 95 -21.25 13.18 -1.65
CA SER A 95 -21.86 14.20 -0.83
C SER A 95 -21.05 14.23 0.42
N LEU A 96 -20.31 15.32 0.59
CA LEU A 96 -19.43 15.48 1.73
C LEU A 96 -20.17 15.90 2.97
N ASN A 97 -19.73 15.39 4.07
CA ASN A 97 -20.41 15.68 5.30
C ASN A 97 -19.50 15.20 6.39
N SER A 98 -20.05 15.11 7.59
CA SER A 98 -19.33 14.70 8.79
C SER A 98 -18.55 13.37 8.70
N ARG A 99 -19.18 12.34 8.11
CA ARG A 99 -18.57 11.05 8.02
C ARG A 99 -17.96 10.89 6.67
N VAL A 100 -18.03 11.88 5.84
CA VAL A 100 -17.50 11.65 4.52
C VAL A 100 -16.84 12.90 4.04
N ALA A 101 -15.53 12.97 4.28
CA ALA A 101 -14.70 14.14 3.95
C ALA A 101 -13.39 13.83 3.23
N SER A 102 -12.88 14.86 2.58
CA SER A 102 -11.64 14.59 1.91
C SER A 102 -10.45 14.95 2.79
N ILE A 103 -9.30 14.51 2.38
CA ILE A 103 -8.09 14.78 3.11
C ILE A 103 -7.19 15.71 2.32
N SER A 104 -6.57 16.61 3.06
CA SER A 104 -5.67 17.59 2.45
C SER A 104 -4.38 16.96 1.94
N LEU A 105 -3.84 17.49 0.86
CA LEU A 105 -2.62 16.95 0.24
C LEU A 105 -1.46 17.72 0.87
N PRO A 106 -0.26 17.11 0.99
CA PRO A 106 0.85 17.84 1.60
C PRO A 106 1.41 19.00 0.79
N THR A 107 2.03 19.91 1.50
CA THR A 107 2.66 21.02 0.81
C THR A 107 4.16 20.89 0.98
N SER A 108 4.52 19.87 1.71
CA SER A 108 5.91 19.62 1.94
C SER A 108 6.09 18.24 2.53
N CYS A 109 7.31 17.71 2.42
CA CYS A 109 7.55 16.41 2.98
C CYS A 109 7.64 16.39 4.49
N ALA A 110 7.07 15.33 5.07
CA ALA A 110 7.17 15.18 6.50
C ALA A 110 8.56 14.62 6.85
N SER A 111 8.98 14.87 8.07
CA SER A 111 10.29 14.49 8.51
C SER A 111 10.27 13.26 9.38
N ALA A 112 11.41 12.58 9.39
CA ALA A 112 11.61 11.42 10.22
C ALA A 112 11.14 11.69 11.64
N GLY A 113 10.59 10.68 12.30
CA GLY A 113 10.16 10.82 13.68
C GLY A 113 8.71 11.27 13.86
N THR A 114 8.15 11.93 12.86
CA THR A 114 6.77 12.39 12.85
C THR A 114 5.81 11.23 13.00
N GLN A 115 4.81 11.48 13.82
CA GLN A 115 3.75 10.53 14.14
C GLN A 115 2.60 10.59 13.14
N CYS A 116 2.28 9.45 12.53
CA CYS A 116 1.21 9.40 11.54
C CYS A 116 0.21 8.36 11.92
N LEU A 117 -0.93 8.51 11.26
CA LEU A 117 -2.03 7.61 11.39
C LEU A 117 -2.28 6.83 10.08
N ILE A 118 -2.29 5.51 10.28
CA ILE A 118 -2.49 4.49 9.25
C ILE A 118 -3.78 3.70 9.56
N SER A 119 -4.60 3.46 8.56
CA SER A 119 -5.85 2.76 8.81
C SER A 119 -6.19 1.81 7.68
N GLY A 120 -6.89 0.71 8.03
CA GLY A 120 -7.28 -0.17 6.98
C GLY A 120 -8.15 -1.30 7.44
N TRP A 121 -8.68 -2.03 6.43
CA TRP A 121 -9.45 -3.23 6.77
C TRP A 121 -8.58 -4.46 6.56
N GLY A 122 -7.24 -4.31 6.57
CA GLY A 122 -6.28 -5.40 6.33
C GLY A 122 -6.15 -6.49 7.40
N ASN A 123 -5.39 -7.55 7.06
CA ASN A 123 -5.11 -8.63 7.98
C ASN A 123 -4.62 -8.07 9.30
N THR A 124 -5.03 -8.79 10.31
CA THR A 124 -4.77 -8.43 11.69
C THR A 124 -3.67 -9.24 12.39
N LYS A 125 -3.11 -10.21 11.65
CA LYS A 125 -2.07 -11.14 12.07
C LYS A 125 -0.77 -11.12 11.25
N SER A 126 0.38 -11.17 11.96
CA SER A 126 1.69 -11.19 11.33
C SER A 126 1.92 -12.58 10.78
N SER A 127 1.41 -13.52 11.56
CA SER A 127 1.42 -14.92 11.20
C SER A 127 -0.01 -15.43 11.36
N GLY A 128 -0.59 -15.86 10.25
CA GLY A 128 -1.96 -16.33 10.32
C GLY A 128 -2.89 -15.48 9.48
N THR A 129 -4.19 -15.58 9.74
CA THR A 129 -5.11 -14.81 8.94
C THR A 129 -6.35 -14.43 9.66
N SER A 130 -6.57 -13.14 9.75
CA SER A 130 -7.77 -12.76 10.39
C SER A 130 -8.10 -11.37 9.97
N TYR A 131 -9.16 -11.29 9.20
CA TYR A 131 -9.60 -10.03 8.68
C TYR A 131 -10.66 -9.42 9.51
N PRO A 132 -10.49 -8.14 9.82
CA PRO A 132 -11.49 -7.39 10.59
C PRO A 132 -12.69 -6.93 9.69
N ASP A 133 -13.81 -6.63 10.30
CA ASP A 133 -14.87 -6.14 9.44
C ASP A 133 -14.97 -4.66 9.64
N VAL A 134 -14.38 -4.21 10.75
CA VAL A 134 -14.41 -2.79 11.06
C VAL A 134 -13.02 -2.19 10.86
N LEU A 135 -12.96 -0.86 10.66
CA LEU A 135 -11.72 -0.10 10.43
C LEU A 135 -10.82 -0.06 11.66
N LYS A 136 -9.53 -0.40 11.42
CA LYS A 136 -8.46 -0.44 12.39
C LYS A 136 -7.49 0.72 12.19
N CYS A 137 -7.00 1.27 13.31
CA CYS A 137 -6.06 2.37 13.25
C CYS A 137 -4.72 1.99 13.89
N LEU A 138 -3.67 2.71 13.50
CA LEU A 138 -2.31 2.56 14.03
C LEU A 138 -1.60 3.89 14.03
N LYS A 139 -0.89 4.20 15.11
CA LYS A 139 -0.06 5.40 15.21
C LYS A 139 1.38 4.96 15.03
N ALA A 140 2.10 5.56 14.10
CA ALA A 140 3.46 5.11 13.87
C ALA A 140 4.29 6.21 13.32
N PRO A 141 5.56 6.10 13.59
CA PRO A 141 6.42 7.16 13.15
C PRO A 141 7.12 6.81 11.86
N ILE A 142 7.56 7.91 11.21
CA ILE A 142 8.38 7.89 10.02
C ILE A 142 9.83 7.63 10.46
N LEU A 143 10.37 6.54 9.94
CA LEU A 143 11.73 6.10 10.16
C LEU A 143 12.65 6.89 9.21
N SER A 144 13.92 7.08 9.62
CA SER A 144 14.90 7.80 8.84
C SER A 144 15.21 6.98 7.60
N ASP A 145 15.61 7.69 6.55
CA ASP A 145 15.96 7.01 5.32
C ASP A 145 17.02 5.96 5.49
N SER A 146 18.05 6.32 6.26
CA SER A 146 19.15 5.44 6.56
C SER A 146 18.62 4.19 7.25
N SER A 147 17.65 4.34 8.16
CA SER A 147 17.05 3.17 8.79
C SER A 147 16.28 2.35 7.75
N CYS A 148 15.50 3.07 6.91
CA CYS A 148 14.75 2.45 5.84
C CYS A 148 15.66 1.62 4.95
N LYS A 149 16.73 2.23 4.45
CA LYS A 149 17.67 1.50 3.62
C LYS A 149 18.42 0.38 4.30
N SER A 150 18.64 0.46 5.63
CA SER A 150 19.30 -0.67 6.27
C SER A 150 18.39 -1.90 6.31
N ALA A 151 17.10 -1.68 6.47
CA ALA A 151 16.05 -2.69 6.48
C ALA A 151 15.89 -3.41 5.15
N TYR A 152 15.85 -2.65 4.07
CA TYR A 152 15.66 -3.13 2.69
C TYR A 152 16.72 -2.59 1.75
N PRO A 153 17.86 -3.15 1.91
CA PRO A 153 19.00 -2.77 1.15
C PRO A 153 18.76 -2.97 -0.31
N GLY A 154 19.05 -1.93 -1.05
CA GLY A 154 18.92 -1.93 -2.48
C GLY A 154 17.50 -1.70 -2.99
N GLN A 155 16.47 -1.55 -2.11
CA GLN A 155 15.08 -1.39 -2.58
C GLN A 155 14.36 -0.12 -2.28
N ILE A 156 14.92 0.74 -1.50
CA ILE A 156 14.13 1.91 -1.21
C ILE A 156 14.48 2.98 -2.18
N THR A 157 13.49 3.66 -2.78
CA THR A 157 13.78 4.75 -3.70
C THR A 157 13.46 6.03 -3.00
N SER A 158 13.70 7.13 -3.70
CA SER A 158 13.37 8.46 -3.18
C SER A 158 11.86 8.69 -3.12
N ASN A 159 11.10 7.75 -3.68
CA ASN A 159 9.67 8.01 -3.66
C ASN A 159 8.98 7.11 -2.70
N MET A 160 9.79 6.65 -1.75
CA MET A 160 9.37 5.75 -0.72
C MET A 160 9.93 6.18 0.63
N PHE A 161 9.25 5.79 1.70
CA PHE A 161 9.68 5.94 3.08
C PHE A 161 9.13 4.82 3.94
N CYS A 162 9.83 4.53 5.05
CA CYS A 162 9.41 3.50 5.99
C CYS A 162 8.78 4.19 7.18
N ALA A 163 7.75 3.52 7.74
CA ALA A 163 7.07 4.00 8.93
C ALA A 163 6.82 2.78 9.80
N GLY A 164 6.80 2.95 11.12
CA GLY A 164 6.61 1.73 11.90
C GLY A 164 7.66 1.49 12.99
N TYR A 165 7.94 0.22 13.30
CA TYR A 165 8.79 -0.20 14.43
C TYR A 165 9.79 -1.24 14.04
N LEU A 166 11.05 -0.93 14.30
CA LEU A 166 12.07 -1.91 13.94
C LEU A 166 11.95 -3.19 14.75
N GLU A 167 11.42 -3.08 15.96
CA GLU A 167 11.21 -4.26 16.81
C GLU A 167 10.08 -5.12 16.31
N GLY A 168 9.25 -4.56 15.42
CA GLY A 168 8.11 -5.28 14.88
C GLY A 168 6.88 -5.22 15.81
N GLY A 169 5.88 -6.06 15.54
CA GLY A 169 4.68 -6.08 16.37
C GLY A 169 3.55 -5.18 15.89
N LYS A 170 3.88 -4.12 15.21
CA LYS A 170 2.83 -3.22 14.81
C LYS A 170 3.07 -2.85 13.37
N ASP A 171 2.07 -2.99 12.48
CA ASP A 171 2.37 -2.66 11.09
C ASP A 171 1.11 -2.67 10.25
N SER A 172 1.20 -2.24 8.97
CA SER A 172 0.10 -2.39 8.03
C SER A 172 0.23 -3.83 7.45
N CYS A 173 -0.80 -4.38 6.77
CA CYS A 173 -0.72 -5.74 6.24
C CYS A 173 -1.63 -5.90 5.02
N GLN A 174 -1.67 -7.13 4.50
CA GLN A 174 -2.46 -7.42 3.32
C GLN A 174 -3.89 -6.94 3.48
N GLY A 175 -4.39 -6.18 2.50
CA GLY A 175 -5.75 -5.68 2.58
C GLY A 175 -5.76 -4.22 2.97
N ASP A 176 -4.59 -3.77 3.44
CA ASP A 176 -4.42 -2.36 3.79
C ASP A 176 -3.91 -1.53 2.65
N SER A 177 -3.38 -2.15 1.58
CA SER A 177 -2.82 -1.39 0.44
C SER A 177 -3.70 -0.25 -0.12
N GLY A 178 -3.09 0.87 -0.53
CA GLY A 178 -3.90 1.91 -1.11
C GLY A 178 -4.37 2.91 -0.05
N GLY A 179 -4.41 2.48 1.19
CA GLY A 179 -4.88 3.30 2.28
C GLY A 179 -3.96 4.43 2.67
N PRO A 180 -4.46 5.30 3.54
CA PRO A 180 -3.77 6.51 3.94
C PRO A 180 -2.71 6.41 5.04
N VAL A 181 -1.71 7.29 4.99
CA VAL A 181 -0.71 7.51 6.03
C VAL A 181 -0.83 9.00 6.32
N VAL A 182 -1.50 9.35 7.42
CA VAL A 182 -1.77 10.75 7.63
C VAL A 182 -0.98 11.38 8.75
N CYS A 183 -0.33 12.50 8.45
CA CYS A 183 0.46 13.22 9.44
C CYS A 183 0.21 14.70 9.41
N SER A 184 -0.12 15.23 10.58
CA SER A 184 -0.40 16.66 10.78
C SER A 184 -1.46 17.13 9.81
N GLY A 185 -2.52 16.33 9.77
CA GLY A 185 -3.68 16.56 8.95
C GLY A 185 -3.46 16.57 7.45
N LYS A 186 -2.38 15.92 6.99
CA LYS A 186 -2.08 15.83 5.57
C LYS A 186 -1.80 14.39 5.20
N LEU A 187 -2.15 14.08 3.96
CA LEU A 187 -1.88 12.78 3.42
C LEU A 187 -0.39 12.70 3.01
N GLN A 188 0.39 11.98 3.75
CA GLN A 188 1.79 11.91 3.40
C GLN A 188 2.19 10.61 2.72
N GLY A 189 1.49 9.51 3.04
CA GLY A 189 1.82 8.23 2.45
C GLY A 189 0.64 7.37 1.96
N ILE A 190 0.99 6.29 1.28
CA ILE A 190 0.01 5.35 0.81
C ILE A 190 0.55 3.96 1.12
N VAL A 191 -0.23 3.12 1.83
CA VAL A 191 0.24 1.78 2.11
C VAL A 191 0.62 1.07 0.86
N SER A 192 1.88 0.62 0.80
CA SER A 192 2.42 -0.05 -0.37
C SER A 192 2.90 -1.50 -0.24
N TRP A 193 4.10 -1.72 0.33
CA TRP A 193 4.65 -3.08 0.39
C TRP A 193 5.46 -3.36 1.63
N GLY A 194 5.94 -4.59 1.75
CA GLY A 194 6.79 -4.91 2.88
C GLY A 194 7.18 -6.36 2.75
N SER A 195 8.00 -6.78 3.71
CA SER A 195 8.42 -8.15 3.87
C SER A 195 7.70 -8.72 5.08
N GLY A 196 6.69 -9.58 4.78
CA GLY A 196 5.74 -10.13 5.76
C GLY A 196 4.99 -8.99 6.45
N CYS A 197 4.49 -9.23 7.66
CA CYS A 197 3.85 -8.12 8.35
C CYS A 197 4.30 -8.09 9.78
N ALA A 198 4.62 -6.87 10.20
CA ALA A 198 4.99 -6.64 11.58
C ALA A 198 6.23 -7.47 11.95
N GLN A 199 7.08 -7.77 10.96
CA GLN A 199 8.30 -8.54 11.25
C GLN A 199 9.41 -7.67 11.81
N LYS A 200 10.27 -8.29 12.63
CA LYS A 200 11.43 -7.58 13.18
C LYS A 200 12.37 -7.12 12.07
N ASN A 201 12.63 -5.80 12.11
CA ASN A 201 13.48 -5.13 11.17
C ASN A 201 12.89 -5.06 9.77
N LYS A 202 11.57 -5.22 9.67
CA LYS A 202 10.92 -5.26 8.38
C LYS A 202 9.67 -4.40 8.48
N PRO A 203 9.88 -3.10 8.65
CA PRO A 203 8.80 -2.13 8.73
C PRO A 203 8.09 -1.98 7.40
N GLY A 204 7.05 -1.17 7.43
CA GLY A 204 6.32 -0.97 6.22
C GLY A 204 6.92 0.09 5.34
N VAL A 205 6.72 -0.13 4.04
CA VAL A 205 7.13 0.77 2.97
C VAL A 205 5.92 1.47 2.35
N TYR A 206 6.01 2.80 2.26
CA TYR A 206 4.97 3.69 1.78
C TYR A 206 5.30 4.60 0.63
N THR A 207 4.26 4.98 -0.11
CA THR A 207 4.49 5.90 -1.20
C THR A 207 4.66 7.35 -0.70
N LYS A 208 5.75 7.98 -1.13
CA LYS A 208 6.00 9.33 -0.70
C LYS A 208 5.22 10.34 -1.50
N VAL A 209 4.03 10.63 -0.98
CA VAL A 209 3.02 11.45 -1.62
C VAL A 209 3.44 12.81 -2.01
N CYS A 210 4.23 13.37 -1.10
CA CYS A 210 4.70 14.72 -1.31
C CYS A 210 5.41 14.90 -2.65
N ASN A 211 5.96 13.84 -3.16
CA ASN A 211 6.65 13.93 -4.44
C ASN A 211 5.70 13.95 -5.67
N TYR A 212 4.37 13.88 -5.45
CA TYR A 212 3.39 13.77 -6.53
C TYR A 212 2.33 14.87 -6.63
N VAL A 213 2.33 15.77 -5.70
CA VAL A 213 1.36 16.78 -5.70
C VAL A 213 1.12 17.43 -7.03
N SER A 214 2.18 17.80 -7.72
CA SER A 214 1.94 18.47 -8.97
C SER A 214 1.21 17.62 -9.98
N TRP A 215 1.69 16.38 -10.19
CA TRP A 215 1.06 15.51 -11.14
C TRP A 215 -0.40 15.34 -10.70
N ILE A 216 -0.63 15.25 -9.40
CA ILE A 216 -2.01 15.08 -8.97
C ILE A 216 -2.89 16.24 -9.45
N LYS A 217 -2.48 17.44 -9.05
CA LYS A 217 -3.14 18.66 -9.38
C LYS A 217 -3.35 18.78 -10.88
N GLN A 218 -2.30 18.53 -11.64
CA GLN A 218 -2.50 18.72 -13.05
C GLN A 218 -3.46 17.74 -13.64
N THR A 219 -3.37 16.49 -13.17
CA THR A 219 -4.16 15.44 -13.76
C THR A 219 -5.65 15.61 -13.60
N ILE A 220 -5.94 15.97 -12.36
CA ILE A 220 -7.30 16.23 -11.92
C ILE A 220 -7.93 17.42 -12.71
N ALA A 221 -7.17 18.49 -12.90
CA ALA A 221 -7.65 19.62 -13.68
C ALA A 221 -7.99 19.26 -15.12
N SER A 222 -7.33 18.24 -15.72
CA SER A 222 -7.60 17.97 -17.12
C SER A 222 -8.52 16.86 -17.48
N ASN A 223 -8.97 16.19 -16.46
CA ASN A 223 -9.91 15.12 -16.69
C ASN A 223 -11.19 15.44 -15.94
N LYS B 1 15.70 -26.05 -6.18
CA LYS B 1 14.39 -25.66 -6.67
C LYS B 1 13.70 -24.58 -5.82
N PRO B 2 12.64 -23.99 -6.39
CA PRO B 2 11.90 -22.91 -5.78
C PRO B 2 11.76 -23.01 -4.27
N CYS B 3 12.15 -21.91 -3.66
CA CYS B 3 12.17 -21.62 -2.23
C CYS B 3 12.45 -20.14 -2.14
N CYS B 4 12.26 -19.50 -0.98
CA CYS B 4 12.52 -18.05 -0.97
C CYS B 4 12.65 -17.35 0.36
N ASP B 5 13.86 -16.94 0.68
CA ASP B 5 14.04 -16.18 1.88
C ASP B 5 13.52 -14.76 1.67
N GLN B 6 14.37 -13.86 1.15
CA GLN B 6 13.89 -12.52 0.92
C GLN B 6 12.76 -12.51 -0.09
N CYS B 7 11.60 -12.11 0.39
CA CYS B 7 10.41 -12.04 -0.44
C CYS B 7 9.74 -10.70 -0.26
N ALA B 8 9.33 -10.10 -1.36
CA ALA B 8 8.72 -8.80 -1.22
C ALA B 8 7.31 -8.84 -1.75
N CYS B 9 6.36 -8.28 -1.02
CA CYS B 9 4.99 -8.29 -1.48
C CYS B 9 4.26 -7.01 -1.26
N THR B 10 3.40 -6.71 -2.23
CA THR B 10 2.48 -5.57 -2.12
C THR B 10 1.44 -5.92 -1.05
N LYS B 11 0.81 -4.95 -0.40
CA LYS B 11 -0.16 -5.30 0.59
C LYS B 11 -1.62 -5.34 0.11
N SER B 12 -1.76 -5.96 -1.04
CA SER B 12 -3.04 -6.12 -1.72
C SER B 12 -3.67 -7.49 -1.42
N ASN B 13 -4.99 -7.60 -1.67
CA ASN B 13 -5.69 -8.86 -1.46
C ASN B 13 -6.06 -9.53 -2.78
N PRO B 14 -5.27 -10.49 -3.29
CA PRO B 14 -4.07 -11.06 -2.70
C PRO B 14 -2.82 -10.28 -3.07
N PRO B 15 -1.71 -10.64 -2.41
CA PRO B 15 -0.45 -9.95 -2.63
C PRO B 15 0.31 -10.42 -3.87
N GLN B 16 0.99 -9.49 -4.53
CA GLN B 16 1.86 -9.87 -5.62
C GLN B 16 3.27 -9.95 -5.03
N CYS B 17 3.74 -11.18 -4.83
CA CYS B 17 5.01 -11.49 -4.23
C CYS B 17 6.14 -11.86 -5.16
N ARG B 18 7.30 -11.34 -4.79
CA ARG B 18 8.50 -11.64 -5.52
C ARG B 18 9.64 -11.97 -4.61
N CYS B 19 10.61 -12.68 -5.18
CA CYS B 19 11.79 -13.07 -4.48
C CYS B 19 13.00 -12.23 -4.85
N SER B 20 13.63 -11.74 -3.79
CA SER B 20 14.79 -10.90 -3.90
C SER B 20 16.08 -11.65 -3.62
N ASP B 21 16.03 -12.98 -3.79
CA ASP B 21 17.16 -13.89 -3.59
C ASP B 21 18.05 -13.85 -4.82
N MET B 22 19.37 -13.87 -4.59
CA MET B 22 20.32 -13.89 -5.68
C MET B 22 21.02 -15.22 -5.71
N ARG B 23 20.63 -16.09 -6.67
CA ARG B 23 21.19 -17.42 -6.81
C ARG B 23 22.34 -17.40 -7.79
N LEU B 24 23.12 -18.50 -7.82
CA LEU B 24 24.27 -18.71 -8.69
C LEU B 24 23.98 -19.62 -9.86
N ASN B 25 24.78 -19.43 -10.91
CA ASN B 25 24.69 -20.14 -12.17
C ASN B 25 23.34 -20.09 -12.94
N SER B 26 22.22 -20.29 -12.28
CA SER B 26 20.98 -20.22 -13.04
C SER B 26 19.86 -19.67 -12.20
N CYS B 27 18.65 -19.88 -12.72
CA CYS B 27 17.42 -19.56 -11.99
C CYS B 27 16.49 -20.77 -12.17
N HIS B 28 15.71 -21.06 -11.11
CA HIS B 28 14.78 -22.19 -11.03
C HIS B 28 14.13 -22.63 -12.32
N SER B 29 13.83 -23.93 -12.36
CA SER B 29 13.10 -24.53 -13.46
C SER B 29 11.62 -24.35 -13.14
N ALA B 30 11.42 -23.25 -12.39
CA ALA B 30 10.18 -22.72 -11.87
C ALA B 30 10.32 -21.21 -11.80
N CYS B 31 10.84 -20.63 -12.88
CA CYS B 31 11.05 -19.18 -13.02
C CYS B 31 10.88 -18.82 -14.47
N LYS B 32 10.14 -17.76 -14.70
CA LYS B 32 9.88 -17.28 -16.02
C LYS B 32 10.81 -16.13 -16.40
N SER B 33 11.27 -15.35 -15.42
CA SER B 33 12.16 -14.23 -15.75
C SER B 33 13.53 -14.24 -15.06
N CYS B 34 14.46 -15.00 -15.62
CA CYS B 34 15.79 -15.16 -15.07
C CYS B 34 16.85 -14.24 -15.69
N ILE B 35 17.45 -13.39 -14.86
CA ILE B 35 18.50 -12.47 -15.33
C ILE B 35 19.82 -12.76 -14.61
N CYS B 36 20.89 -12.89 -15.39
CA CYS B 36 22.19 -13.19 -14.82
C CYS B 36 23.27 -12.21 -15.27
N ALA B 37 24.37 -12.23 -14.51
CA ALA B 37 25.58 -11.44 -14.77
C ALA B 37 26.50 -12.18 -15.75
N LEU B 38 27.41 -11.48 -16.43
CA LEU B 38 28.24 -12.13 -17.42
C LEU B 38 29.63 -12.62 -16.98
N SER B 39 29.77 -12.80 -15.68
CA SER B 39 31.02 -13.28 -15.14
C SER B 39 30.94 -14.78 -14.89
N TYR B 40 32.04 -15.37 -14.40
CA TYR B 40 32.04 -16.78 -14.04
C TYR B 40 32.53 -17.00 -12.62
N PRO B 41 31.66 -17.31 -11.63
CA PRO B 41 30.24 -17.62 -11.77
C PRO B 41 29.24 -16.47 -11.65
N ALA B 42 28.29 -16.62 -12.55
CA ALA B 42 27.16 -15.75 -12.76
C ALA B 42 26.30 -15.54 -11.53
N GLN B 43 25.77 -14.35 -11.40
CA GLN B 43 24.83 -14.18 -10.31
C GLN B 43 23.49 -13.85 -10.95
N CYS B 44 22.44 -14.60 -10.55
CA CYS B 44 21.09 -14.47 -11.08
C CYS B 44 20.02 -14.16 -10.04
N PHE B 45 18.93 -13.56 -10.56
CA PHE B 45 17.73 -13.18 -9.81
C PHE B 45 16.50 -13.49 -10.63
N CYS B 46 15.50 -14.07 -9.96
CA CYS B 46 14.22 -14.40 -10.57
C CYS B 46 13.21 -13.30 -10.26
N VAL B 47 12.94 -12.47 -11.24
CA VAL B 47 12.04 -11.36 -10.99
C VAL B 47 10.54 -11.63 -11.15
N ASP B 48 10.12 -12.87 -11.32
CA ASP B 48 8.70 -13.15 -11.48
C ASP B 48 7.87 -12.69 -10.31
N ILE B 49 6.65 -12.23 -10.64
CA ILE B 49 5.70 -11.83 -9.63
C ILE B 49 4.73 -12.99 -9.44
N THR B 50 4.37 -13.24 -8.19
CA THR B 50 3.41 -14.29 -7.86
C THR B 50 2.56 -13.96 -6.64
N ASP B 51 1.33 -14.48 -6.61
CA ASP B 51 0.40 -14.27 -5.51
C ASP B 51 0.90 -14.95 -4.24
N PHE B 52 2.21 -15.07 -4.11
CA PHE B 52 2.87 -15.70 -2.99
C PHE B 52 4.32 -15.92 -3.40
N CYS B 53 5.19 -16.26 -2.46
CA CYS B 53 6.56 -16.63 -2.82
C CYS B 53 6.68 -18.00 -2.23
N TYR B 54 7.90 -18.51 -2.33
CA TYR B 54 8.25 -19.80 -1.77
C TYR B 54 8.81 -19.70 -0.34
N GLU B 55 9.08 -20.86 0.23
CA GLU B 55 9.58 -20.97 1.58
C GLU B 55 11.10 -20.93 1.61
N PRO B 56 11.63 -20.62 2.79
CA PRO B 56 13.06 -20.56 2.96
C PRO B 56 13.75 -21.69 2.24
N CYS B 57 15.06 -21.53 2.23
CA CYS B 57 15.95 -22.46 1.60
C CYS B 57 16.84 -23.16 2.65
N LYS B 58 18.12 -23.33 2.32
CA LYS B 58 19.07 -23.98 3.22
C LYS B 58 18.82 -25.47 3.27
#